data_1DLW
#
_entry.id   1DLW
#
_cell.length_a   61.180
_cell.length_b   61.180
_cell.length_c   35.790
_cell.angle_alpha   90.00
_cell.angle_beta   90.00
_cell.angle_gamma   90.00
#
_symmetry.space_group_name_H-M   'P 43'
#
loop_
_entity.id
_entity.type
_entity.pdbx_description
1 polymer HEMOGLOBIN
2 non-polymer 'PROTOPORPHYRIN IX CONTAINING FE'
3 water water
#
_entity_poly.entity_id   1
_entity_poly.type   'polypeptide(L)'
_entity_poly.pdbx_seq_one_letter_code
;SLFEQLGGQAAVQAVTAQFYANIQADATVATFFNGIDMPNQTNKTAAFLCAALGGPNAWTGRNLKEVHANMGVSNAQFTT
VIGHLRSALTGAGVAAALVEQTVAVAETVRGDVVTV
;
_entity_poly.pdbx_strand_id   A
#
loop_
_chem_comp.id
_chem_comp.type
_chem_comp.name
_chem_comp.formula
HEM non-polymer 'PROTOPORPHYRIN IX CONTAINING FE' 'C34 H32 Fe N4 O4'
#
# COMPACT_ATOMS: atom_id res chain seq x y z
N SER A 1 17.82 -4.03 -4.16
CA SER A 1 16.60 -3.98 -3.37
C SER A 1 15.36 -4.00 -4.26
N LEU A 2 14.22 -4.33 -3.69
CA LEU A 2 13.00 -4.37 -4.45
C LEU A 2 12.61 -2.94 -4.88
N PHE A 3 13.08 -1.94 -4.11
CA PHE A 3 12.79 -0.55 -4.35
C PHE A 3 13.52 -0.06 -5.58
N GLU A 4 14.66 -0.67 -5.78
CA GLU A 4 15.49 -0.37 -6.95
C GLU A 4 14.95 -1.09 -8.16
N GLN A 5 14.57 -2.37 -7.97
CA GLN A 5 14.04 -3.14 -9.08
C GLN A 5 12.77 -2.52 -9.66
N LEU A 6 12.03 -1.80 -8.83
CA LEU A 6 10.79 -1.20 -9.25
C LEU A 6 11.03 0.11 -10.01
N GLY A 7 12.22 0.66 -9.92
CA GLY A 7 12.46 1.88 -10.67
C GLY A 7 12.73 3.08 -9.77
N GLY A 8 12.65 2.94 -8.47
CA GLY A 8 12.99 4.10 -7.67
C GLY A 8 11.81 4.69 -6.94
N GLN A 9 12.08 5.85 -6.33
CA GLN A 9 11.14 6.61 -5.52
C GLN A 9 9.92 7.12 -6.28
N ALA A 10 10.14 7.51 -7.53
CA ALA A 10 9.03 8.00 -8.34
C ALA A 10 8.13 6.85 -8.78
N ALA A 11 8.74 5.69 -9.00
CA ALA A 11 7.99 4.51 -9.42
C ALA A 11 7.09 4.06 -8.29
N VAL A 12 7.60 4.07 -7.06
CA VAL A 12 6.79 3.66 -5.93
C VAL A 12 5.67 4.68 -5.72
N GLN A 13 5.96 5.96 -5.91
CA GLN A 13 4.93 7.00 -5.75
C GLN A 13 3.77 6.79 -6.71
N ALA A 14 4.09 6.54 -7.97
CA ALA A 14 3.09 6.32 -9.00
C ALA A 14 2.21 5.12 -8.74
N VAL A 15 2.84 4.01 -8.33
CA VAL A 15 2.10 2.81 -8.00
C VAL A 15 1.18 3.11 -6.83
N THR A 16 1.71 3.78 -5.80
CA THR A 16 0.90 4.11 -4.62
C THR A 16 -0.28 4.99 -4.99
N ALA A 17 -0.12 5.93 -5.91
CA ALA A 17 -1.23 6.77 -6.35
C ALA A 17 -2.29 5.90 -7.02
N GLN A 18 -1.87 4.98 -7.89
CA GLN A 18 -2.85 4.12 -8.55
C GLN A 18 -3.53 3.17 -7.57
N PHE A 19 -2.80 2.70 -6.60
CA PHE A 19 -3.33 1.85 -5.54
C PHE A 19 -4.46 2.55 -4.84
N TYR A 20 -4.29 3.82 -4.45
CA TYR A 20 -5.36 4.52 -3.76
C TYR A 20 -6.50 4.86 -4.70
N ALA A 21 -6.23 5.12 -5.98
CA ALA A 21 -7.34 5.38 -6.91
C ALA A 21 -8.19 4.12 -7.02
N ASN A 22 -7.52 2.96 -7.09
CA ASN A 22 -8.21 1.69 -7.19
C ASN A 22 -9.09 1.42 -5.96
N ILE A 23 -8.55 1.72 -4.76
CA ILE A 23 -9.29 1.51 -3.53
C ILE A 23 -10.54 2.39 -3.52
N GLN A 24 -10.39 3.64 -3.93
CA GLN A 24 -11.53 4.57 -3.93
C GLN A 24 -12.58 4.20 -4.97
N ALA A 25 -12.19 3.38 -5.96
CA ALA A 25 -13.12 2.98 -6.99
C ALA A 25 -13.88 1.70 -6.59
N ASP A 26 -13.57 1.15 -5.41
CA ASP A 26 -14.16 -0.10 -4.98
C ASP A 26 -15.05 0.10 -3.77
N ALA A 27 -16.37 -0.06 -3.93
CA ALA A 27 -17.29 0.19 -2.84
C ALA A 27 -17.10 -0.71 -1.63
N THR A 28 -16.40 -1.87 -1.76
CA THR A 28 -16.28 -2.72 -0.57
C THR A 28 -15.27 -2.15 0.44
N VAL A 29 -14.45 -1.18 0.01
CA VAL A 29 -13.44 -0.61 0.90
C VAL A 29 -13.36 0.90 0.82
N ALA A 30 -13.98 1.55 -0.16
CA ALA A 30 -13.82 3.01 -0.28
C ALA A 30 -14.31 3.80 0.91
N THR A 31 -15.33 3.31 1.57
CA THR A 31 -15.90 4.04 2.71
C THR A 31 -14.87 4.34 3.77
N PHE A 32 -13.89 3.50 3.93
CA PHE A 32 -12.88 3.76 4.97
C PHE A 32 -12.14 5.10 4.78
N PHE A 33 -12.06 5.56 3.55
CA PHE A 33 -11.32 6.77 3.19
C PHE A 33 -12.18 8.01 3.06
N ASN A 34 -13.40 7.97 3.55
CA ASN A 34 -14.26 9.13 3.50
C ASN A 34 -13.60 10.25 4.33
N GLY A 35 -13.46 11.43 3.74
CA GLY A 35 -12.90 12.58 4.46
C GLY A 35 -11.38 12.57 4.67
N ILE A 36 -10.70 11.59 4.10
CA ILE A 36 -9.28 11.48 4.22
C ILE A 36 -8.55 12.22 3.11
N ASP A 37 -7.48 12.91 3.45
CA ASP A 37 -6.60 13.63 2.55
C ASP A 37 -5.83 12.57 1.76
N MET A 38 -6.19 12.38 0.50
CA MET A 38 -5.62 11.34 -0.35
C MET A 38 -4.22 11.62 -0.83
N PRO A 39 -3.86 12.84 -1.16
CA PRO A 39 -2.44 13.12 -1.47
C PRO A 39 -1.59 12.80 -0.25
N ASN A 40 -2.05 13.10 0.98
CA ASN A 40 -1.24 12.76 2.16
C ASN A 40 -1.12 11.23 2.33
N GLN A 41 -2.23 10.54 2.08
CA GLN A 41 -2.25 9.06 2.14
C GLN A 41 -1.18 8.49 1.21
N THR A 42 -1.20 9.01 -0.02
CA THR A 42 -0.24 8.54 -1.03
C THR A 42 1.20 8.83 -0.58
N ASN A 43 1.46 10.03 -0.12
CA ASN A 43 2.80 10.36 0.32
C ASN A 43 3.29 9.50 1.47
N LYS A 44 2.44 9.35 2.50
CA LYS A 44 2.86 8.57 3.66
C LYS A 44 3.00 7.09 3.32
N THR A 45 2.04 6.54 2.56
CA THR A 45 2.15 5.12 2.22
C THR A 45 3.35 4.88 1.30
N ALA A 46 3.62 5.79 0.36
CA ALA A 46 4.78 5.61 -0.51
C ALA A 46 6.05 5.63 0.33
N ALA A 47 6.13 6.53 1.33
CA ALA A 47 7.32 6.56 2.20
C ALA A 47 7.44 5.24 2.96
N PHE A 48 6.32 4.75 3.49
CA PHE A 48 6.33 3.49 4.24
C PHE A 48 6.83 2.37 3.32
N LEU A 49 6.25 2.29 2.12
CA LEU A 49 6.64 1.24 1.17
C LEU A 49 8.09 1.38 0.73
N CYS A 50 8.57 2.58 0.47
CA CYS A 50 9.97 2.73 0.05
C CYS A 50 10.86 2.13 1.13
N ALA A 51 10.59 2.43 2.40
CA ALA A 51 11.43 1.87 3.48
C ALA A 51 11.31 0.36 3.51
N ALA A 52 10.09 -0.15 3.45
CA ALA A 52 9.87 -1.60 3.51
C ALA A 52 10.47 -2.36 2.35
N LEU A 53 10.58 -1.66 1.22
CA LEU A 53 11.12 -2.27 -0.01
C LEU A 53 12.65 -2.11 -0.12
N GLY A 54 13.28 -1.58 0.91
CA GLY A 54 14.73 -1.49 0.94
C GLY A 54 15.32 -0.17 0.49
N GLY A 55 14.52 0.88 0.47
CA GLY A 55 14.97 2.21 0.08
C GLY A 55 15.89 2.77 1.19
N PRO A 56 16.47 3.92 0.92
CA PRO A 56 17.46 4.51 1.81
C PRO A 56 16.95 5.22 3.05
N ASN A 57 15.64 5.50 3.07
CA ASN A 57 15.04 6.28 4.15
C ASN A 57 14.18 5.44 5.08
N ALA A 58 14.54 5.29 6.37
CA ALA A 58 13.71 4.50 7.30
C ALA A 58 12.36 5.18 7.51
N TRP A 59 11.35 4.40 7.89
CA TRP A 59 10.03 4.91 8.16
C TRP A 59 10.05 5.65 9.49
N THR A 60 9.60 6.90 9.52
CA THR A 60 9.62 7.64 10.80
C THR A 60 8.22 8.17 11.10
N GLY A 61 7.23 7.59 10.43
CA GLY A 61 5.85 7.98 10.62
C GLY A 61 5.23 7.22 11.80
N ARG A 62 3.91 7.22 11.85
CA ARG A 62 3.16 6.58 12.93
C ARG A 62 3.24 5.07 12.90
N ASN A 63 3.01 4.47 14.05
CA ASN A 63 2.97 3.02 14.22
C ASN A 63 1.70 2.53 13.54
N LEU A 64 1.78 1.67 12.53
CA LEU A 64 0.57 1.29 11.80
C LEU A 64 -0.48 0.57 12.62
N LYS A 65 -0.07 -0.24 13.62
CA LYS A 65 -1.13 -0.91 14.41
C LYS A 65 -1.96 0.14 15.15
N GLU A 66 -1.32 1.15 15.74
CA GLU A 66 -2.07 2.20 16.42
C GLU A 66 -2.95 2.96 15.41
N VAL A 67 -2.42 3.25 14.22
CA VAL A 67 -3.18 3.99 13.22
C VAL A 67 -4.50 3.34 12.84
N HIS A 68 -4.44 2.03 12.60
CA HIS A 68 -5.62 1.30 12.13
C HIS A 68 -6.50 0.66 13.20
N ALA A 69 -6.12 0.87 14.46
CA ALA A 69 -6.91 0.37 15.57
C ALA A 69 -8.36 0.91 15.42
N ASN A 70 -9.36 0.02 15.68
CA ASN A 70 -10.83 0.21 15.59
C ASN A 70 -11.33 0.89 14.31
N MET A 71 -10.68 0.59 13.21
CA MET A 71 -11.14 1.09 11.93
C MET A 71 -12.13 0.09 11.39
N GLY A 72 -12.05 -1.15 11.91
CA GLY A 72 -12.96 -2.23 11.52
C GLY A 72 -12.60 -2.91 10.20
N VAL A 73 -11.29 -3.07 9.93
CA VAL A 73 -10.88 -3.73 8.69
C VAL A 73 -10.79 -5.26 8.86
N SER A 74 -11.39 -5.99 7.95
CA SER A 74 -11.38 -7.46 7.98
C SER A 74 -10.27 -8.00 7.12
N ASN A 75 -10.06 -9.30 7.16
CA ASN A 75 -9.05 -9.92 6.31
C ASN A 75 -9.49 -9.88 4.86
N ALA A 76 -10.79 -10.03 4.59
CA ALA A 76 -11.25 -9.96 3.21
C ALA A 76 -10.99 -8.56 2.66
N GLN A 77 -11.15 -7.54 3.48
CA GLN A 77 -10.92 -6.18 3.02
C GLN A 77 -9.44 -5.95 2.78
N PHE A 78 -8.59 -6.46 3.67
CA PHE A 78 -7.15 -6.31 3.49
C PHE A 78 -6.73 -7.03 2.20
N THR A 79 -7.22 -8.24 2.01
CA THR A 79 -6.93 -9.04 0.81
C THR A 79 -7.40 -8.29 -0.44
N THR A 80 -8.53 -7.60 -0.38
CA THR A 80 -9.01 -6.80 -1.51
C THR A 80 -8.03 -5.66 -1.77
N VAL A 81 -7.53 -5.05 -0.71
CA VAL A 81 -6.60 -3.94 -0.84
C VAL A 81 -5.28 -4.41 -1.46
N ILE A 82 -4.87 -5.63 -1.14
CA ILE A 82 -3.65 -6.21 -1.71
C ILE A 82 -3.90 -6.41 -3.19
N GLY A 83 -5.14 -6.73 -3.57
CA GLY A 83 -5.49 -6.92 -4.97
C GLY A 83 -5.34 -5.59 -5.71
N HIS A 84 -5.70 -4.48 -5.06
CA HIS A 84 -5.57 -3.15 -5.66
C HIS A 84 -4.10 -2.79 -5.84
N LEU A 85 -3.23 -3.29 -4.97
CA LEU A 85 -1.80 -3.04 -5.08
C LEU A 85 -1.28 -3.88 -6.23
N ARG A 86 -1.68 -5.14 -6.27
CA ARG A 86 -1.29 -6.03 -7.36
C ARG A 86 -1.67 -5.45 -8.71
N SER A 87 -2.90 -4.96 -8.88
CA SER A 87 -3.28 -4.40 -10.17
C SER A 87 -2.52 -3.10 -10.47
N ALA A 88 -2.29 -2.28 -9.46
CA ALA A 88 -1.52 -1.04 -9.68
C ALA A 88 -0.13 -1.40 -10.18
N LEU A 89 0.55 -2.36 -9.52
CA LEU A 89 1.90 -2.74 -9.94
C LEU A 89 1.90 -3.32 -11.35
N THR A 90 0.93 -4.19 -11.63
CA THR A 90 0.88 -4.81 -12.95
C THR A 90 0.62 -3.76 -14.03
N GLY A 91 -0.26 -2.81 -13.73
CA GLY A 91 -0.59 -1.74 -14.67
C GLY A 91 0.60 -0.83 -14.94
N ALA A 92 1.53 -0.76 -13.99
CA ALA A 92 2.73 0.06 -14.15
C ALA A 92 3.82 -0.63 -14.97
N GLY A 93 3.56 -1.86 -15.38
CA GLY A 93 4.50 -2.60 -16.23
C GLY A 93 5.51 -3.43 -15.45
N VAL A 94 5.26 -3.57 -14.16
CA VAL A 94 6.17 -4.37 -13.34
C VAL A 94 6.07 -5.84 -13.71
N ALA A 95 7.18 -6.53 -13.86
CA ALA A 95 7.18 -7.97 -14.18
C ALA A 95 6.53 -8.77 -13.07
N ALA A 96 5.84 -9.82 -13.46
CA ALA A 96 5.07 -10.65 -12.53
C ALA A 96 5.82 -11.06 -11.29
N ALA A 97 7.02 -11.60 -11.45
CA ALA A 97 7.76 -12.03 -10.27
C ALA A 97 7.96 -10.89 -9.28
N LEU A 98 8.27 -9.69 -9.82
CA LEU A 98 8.49 -8.53 -8.96
C LEU A 98 7.17 -8.00 -8.37
N VAL A 99 6.10 -8.16 -9.10
CA VAL A 99 4.80 -7.79 -8.55
C VAL A 99 4.59 -8.62 -7.28
N GLU A 100 4.80 -9.93 -7.38
CA GLU A 100 4.60 -10.81 -6.29
C GLU A 100 5.55 -10.55 -5.12
N GLN A 101 6.80 -10.23 -5.39
CA GLN A 101 7.77 -9.93 -4.30
C GLN A 101 7.34 -8.66 -3.56
N THR A 102 6.81 -7.69 -4.30
CA THR A 102 6.35 -6.43 -3.71
C THR A 102 5.09 -6.65 -2.89
N VAL A 103 4.15 -7.44 -3.44
CA VAL A 103 2.93 -7.74 -2.73
C VAL A 103 3.28 -8.47 -1.41
N ALA A 104 4.30 -9.31 -1.44
CA ALA A 104 4.70 -10.08 -0.26
C ALA A 104 5.15 -9.16 0.86
N VAL A 105 5.78 -8.04 0.50
CA VAL A 105 6.21 -7.11 1.53
C VAL A 105 4.98 -6.42 2.13
N ALA A 106 3.96 -6.19 1.32
CA ALA A 106 2.80 -5.49 1.85
C ALA A 106 1.86 -6.38 2.67
N GLU A 107 2.12 -7.66 2.71
CA GLU A 107 1.26 -8.59 3.48
C GLU A 107 1.60 -8.54 4.98
N THR A 108 2.89 -8.30 5.28
CA THR A 108 3.48 -8.21 6.63
C THR A 108 2.82 -7.15 7.46
N VAL A 109 2.01 -6.29 6.84
CA VAL A 109 1.33 -5.35 7.70
C VAL A 109 -0.12 -5.85 7.93
N ARG A 110 -0.50 -7.01 7.40
CA ARG A 110 -1.84 -7.47 7.64
C ARG A 110 -2.14 -7.44 9.14
N GLY A 111 -1.22 -7.93 9.99
CA GLY A 111 -1.46 -8.00 11.43
C GLY A 111 -1.62 -6.64 12.11
N ASP A 112 -1.12 -5.59 11.46
CA ASP A 112 -1.25 -4.25 12.00
C ASP A 112 -2.52 -3.57 11.50
N VAL A 113 -3.04 -3.95 10.33
CA VAL A 113 -4.21 -3.27 9.77
C VAL A 113 -5.52 -3.97 10.07
N VAL A 114 -5.53 -5.30 9.96
CA VAL A 114 -6.74 -6.09 10.18
C VAL A 114 -7.05 -6.21 11.67
N THR A 115 -8.27 -5.89 12.05
CA THR A 115 -8.62 -5.97 13.45
C THR A 115 -9.87 -6.81 13.67
N VAL A 116 -10.62 -7.09 12.63
CA VAL A 116 -11.88 -7.84 12.77
C VAL A 116 -12.04 -8.89 11.68
CHA HEM B . -3.31 5.62 7.36
CHB HEM B . -7.03 2.83 6.07
CHC HEM B . -4.02 -0.59 4.48
CHD HEM B . -0.31 2.35 5.49
C1A HEM B . -4.60 5.20 7.08
C2A HEM B . -5.80 5.98 7.23
C3A HEM B . -6.84 5.23 6.87
C4A HEM B . -6.33 3.94 6.47
CMA HEM B . -8.34 5.62 6.85
CAA HEM B . -5.81 7.45 7.77
CBA HEM B . -6.00 7.43 9.31
CGA HEM B . -6.17 8.75 9.99
O1A HEM B . -5.67 8.90 11.14
O2A HEM B . -6.78 9.60 9.31
C1B HEM B . -6.59 1.64 5.57
C2B HEM B . -7.36 0.49 5.18
C3B HEM B . -6.53 -0.45 4.74
C4B HEM B . -5.18 0.08 4.87
CMB HEM B . -8.91 0.49 5.27
CAB HEM B . -6.83 -1.87 4.21
CBB HEM B . -8.10 -2.26 4.06
C1C HEM B . -2.76 -0.03 4.55
C2C HEM B . -1.56 -0.66 4.02
C3C HEM B . -0.54 0.15 4.31
C4C HEM B . -1.06 1.28 5.04
CMC HEM B . -1.56 -1.99 3.26
CAC HEM B . 0.97 -0.01 4.00
CBC HEM B . 1.39 -0.82 3.04
C1D HEM B . -0.80 3.48 6.09
C2D HEM B . 0.00 4.61 6.50
C3D HEM B . -0.84 5.51 7.01
C4D HEM B . -2.18 4.97 6.94
CMD HEM B . 1.53 4.66 6.32
CAD HEM B . -0.50 6.90 7.62
CBD HEM B . 0.32 6.83 8.91
CGD HEM B . 0.79 8.15 9.47
O1D HEM B . 2.01 8.23 9.75
O2D HEM B . -0.08 9.05 9.60
NA HEM B . -4.95 3.95 6.61
NB HEM B . -5.23 1.35 5.40
NC HEM B . -2.43 1.15 5.18
ND HEM B . -2.14 3.72 6.35
FE HEM B . -3.70 2.49 6.04
#